data_6Q69
#
_entry.id   6Q69
#
_cell.length_a   54.846
_cell.length_b   55.767
_cell.length_c   61.163
_cell.angle_alpha   96.18
_cell.angle_beta   105.54
_cell.angle_gamma   112.82
#
_symmetry.space_group_name_H-M   'P 1'
#
loop_
_entity.id
_entity.type
_entity.pdbx_description
1 polymer 'Peripherial benzodiazepine receptor associated protein'
2 polymer 'Genome polyprotein'
#
loop_
_entity_poly.entity_id
_entity_poly.type
_entity_poly.pdbx_seq_one_letter_code
_entity_poly.pdbx_strand_id
1 'polypeptide(L)'
;MESLPVIAAPSMWTRPQIRDFKEKIRQDSDSVITVGRGEVVTVRVPTHEEGSYLFWEFATDNYDIGFGVYFEWTDSPNTA
VSVHVSESSEHDDEEEEENISSEEKAKKNANKPVLDEIVPVYRRDCHEEVYAGSHQYPGRGVYLLKFDNSYSLWRSKSVY
YRVYYTR
;
A,C
2 'polypeptide(L)' GPPQFKPLKISVDPEIPAPPAIADLLASVDSEEVREYCKKKGWIVEVPVTATTLERNVS B,D
#
# COMPACT_ATOMS: atom_id res chain seq x y z
N SER A 3 35.45 15.72 5.70
CA SER A 3 34.99 15.85 4.32
C SER A 3 33.77 16.77 4.23
N LEU A 4 33.41 17.15 3.01
CA LEU A 4 32.24 17.99 2.77
C LEU A 4 30.96 17.17 2.82
N PRO A 5 29.81 17.85 3.01
CA PRO A 5 28.52 17.16 3.02
C PRO A 5 28.31 16.29 1.78
N VAL A 6 27.88 15.06 1.98
CA VAL A 6 27.56 14.16 0.87
C VAL A 6 26.05 14.08 0.71
N ILE A 7 25.54 14.64 -0.38
CA ILE A 7 24.10 14.68 -0.62
C ILE A 7 23.59 13.33 -1.10
N ALA A 8 22.54 12.84 -0.44
CA ALA A 8 21.94 11.56 -0.79
C ALA A 8 21.25 11.68 -2.13
N ALA A 9 21.30 10.60 -2.91
CA ALA A 9 20.64 10.59 -4.21
C ALA A 9 19.13 10.65 -4.00
N PRO A 10 18.41 11.30 -4.93
CA PRO A 10 16.95 11.33 -4.86
C PRO A 10 16.30 10.04 -5.35
N SER A 11 15.08 9.76 -4.91
CA SER A 11 14.29 8.66 -5.45
C SER A 11 13.18 9.21 -6.34
N MET A 12 12.85 8.48 -7.39
CA MET A 12 11.80 8.92 -8.30
C MET A 12 11.01 7.73 -8.85
N TRP A 13 9.73 7.95 -9.09
CA TRP A 13 8.85 6.91 -9.60
C TRP A 13 7.63 7.53 -10.28
N THR A 14 6.72 6.67 -10.75
CA THR A 14 5.48 7.12 -11.38
C THR A 14 4.32 6.26 -10.91
N ARG A 15 3.10 6.74 -11.10
CA ARG A 15 1.91 5.92 -10.85
C ARG A 15 0.86 6.18 -11.94
N PRO A 16 0.12 5.13 -12.33
CA PRO A 16 -0.73 5.25 -13.51
C PRO A 16 -1.94 6.17 -13.37
N GLN A 17 -2.40 6.46 -12.16
CA GLN A 17 -3.69 7.14 -12.04
C GLN A 17 -3.45 8.64 -12.02
N ILE A 18 -3.62 9.26 -13.17
CA ILE A 18 -3.49 10.71 -13.31
C ILE A 18 -4.81 11.43 -13.02
N ARG A 19 -5.90 10.84 -13.52
CA ARG A 19 -7.21 11.46 -13.44
C ARG A 19 -7.67 11.60 -11.99
N ASP A 20 -7.40 10.58 -11.18
CA ASP A 20 -7.81 10.59 -9.79
C ASP A 20 -7.00 11.60 -9.00
N PHE A 21 -5.75 11.81 -9.43
CA PHE A 21 -4.85 12.70 -8.71
C PHE A 21 -5.26 14.17 -8.83
N LYS A 22 -5.66 14.58 -10.04
CA LYS A 22 -6.05 15.97 -10.27
C LYS A 22 -7.31 16.37 -9.52
N GLU A 23 -8.36 15.56 -9.68
CA GLU A 23 -9.64 15.82 -9.02
C GLU A 23 -9.49 15.93 -7.51
N LYS A 24 -8.43 15.31 -6.98
CA LYS A 24 -8.08 15.45 -5.57
C LYS A 24 -7.50 16.83 -5.31
N ILE A 25 -6.65 17.30 -6.21
CA ILE A 25 -5.99 18.59 -6.08
C ILE A 25 -6.93 19.75 -6.42
N ARG A 26 -7.81 19.53 -7.40
CA ARG A 26 -8.74 20.58 -7.84
C ARG A 26 -9.63 21.08 -6.70
N GLN A 27 -9.75 20.28 -5.65
CA GLN A 27 -10.48 20.70 -4.45
C GLN A 27 -9.70 21.78 -3.69
N ASP A 28 -8.48 22.04 -4.15
CA ASP A 28 -7.64 23.11 -3.61
C ASP A 28 -7.14 24.00 -4.76
N SER A 29 -7.44 25.29 -4.68
CA SER A 29 -7.10 26.22 -5.77
C SER A 29 -5.61 26.58 -5.79
N ASP A 30 -5.06 26.90 -4.62
CA ASP A 30 -3.66 27.33 -4.53
C ASP A 30 -2.68 26.24 -4.96
N SER A 31 -3.17 25.01 -5.07
CA SER A 31 -2.32 23.88 -5.46
C SER A 31 -2.19 23.73 -6.97
N VAL A 32 -2.92 24.56 -7.72
CA VAL A 32 -2.88 24.51 -9.18
C VAL A 32 -2.21 25.75 -9.75
N ILE A 33 -1.20 25.54 -10.59
CA ILE A 33 -0.42 26.63 -11.17
C ILE A 33 -0.50 26.62 -12.69
N THR A 34 -0.52 27.82 -13.28
CA THR A 34 -0.49 27.97 -14.72
C THR A 34 0.84 28.56 -15.17
N VAL A 35 1.65 27.74 -15.82
CA VAL A 35 2.94 28.19 -16.31
C VAL A 35 2.78 28.76 -17.71
N GLY A 36 3.25 29.98 -17.92
CA GLY A 36 3.06 30.68 -19.18
C GLY A 36 4.08 30.32 -20.24
N ARG A 37 3.91 30.91 -21.41
CA ARG A 37 4.82 30.69 -22.53
C ARG A 37 6.23 31.14 -22.18
N GLY A 38 7.21 30.26 -22.40
CA GLY A 38 8.60 30.57 -22.15
C GLY A 38 8.86 31.03 -20.72
N GLU A 39 8.16 30.43 -19.76
CA GLU A 39 8.30 30.78 -18.35
C GLU A 39 8.86 29.62 -17.53
N VAL A 40 9.47 29.96 -16.39
CA VAL A 40 9.87 28.98 -15.41
C VAL A 40 9.30 29.37 -14.05
N VAL A 41 8.37 28.57 -13.55
CA VAL A 41 7.75 28.85 -12.27
C VAL A 41 8.43 28.04 -11.17
N THR A 42 9.11 28.72 -10.26
CA THR A 42 9.82 28.06 -9.16
C THR A 42 8.98 28.10 -7.89
N VAL A 43 8.81 26.94 -7.26
CA VAL A 43 8.11 26.83 -5.99
C VAL A 43 9.12 26.55 -4.88
N ARG A 44 9.19 27.46 -3.91
CA ARG A 44 10.14 27.34 -2.82
C ARG A 44 9.51 26.58 -1.66
N VAL A 45 10.20 25.54 -1.21
CA VAL A 45 9.72 24.68 -0.13
C VAL A 45 10.79 24.54 0.95
N PRO A 46 10.74 25.39 1.98
CA PRO A 46 11.76 25.38 3.04
C PRO A 46 11.76 24.09 3.87
N THR A 47 12.94 23.64 4.27
CA THR A 47 13.08 22.45 5.10
C THR A 47 12.40 22.65 6.44
N HIS A 48 11.51 21.73 6.80
CA HIS A 48 10.86 21.78 8.10
C HIS A 48 11.83 21.34 9.19
N GLU A 49 11.75 22.00 10.34
CA GLU A 49 12.68 21.73 11.43
C GLU A 49 12.54 20.29 11.90
N GLU A 50 11.32 19.79 11.90
CA GLU A 50 11.03 18.44 12.36
C GLU A 50 11.35 17.38 11.31
N GLY A 51 11.13 17.71 10.04
CA GLY A 51 11.21 16.73 8.97
C GLY A 51 12.62 16.32 8.59
N SER A 52 12.79 15.04 8.23
CA SER A 52 14.04 14.54 7.67
C SER A 52 14.07 14.44 6.14
N TYR A 53 12.91 14.60 5.50
CA TYR A 53 12.76 14.26 4.07
C TYR A 53 11.70 15.10 3.37
N LEU A 54 11.83 15.23 2.05
CA LEU A 54 10.82 15.90 1.21
C LEU A 54 10.27 14.96 0.15
N PHE A 55 8.94 14.92 0.05
CA PHE A 55 8.23 14.12 -0.95
C PHE A 55 7.43 15.02 -1.86
N TRP A 56 7.54 14.80 -3.18
CA TRP A 56 6.85 15.64 -4.16
C TRP A 56 6.05 14.82 -5.17
N GLU A 57 4.98 15.44 -5.67
CA GLU A 57 4.13 14.83 -6.69
C GLU A 57 3.68 15.92 -7.65
N PHE A 58 3.72 15.64 -8.96
CA PHE A 58 3.26 16.62 -9.94
C PHE A 58 2.71 15.98 -11.20
N ALA A 59 1.77 16.68 -11.84
CA ALA A 59 1.20 16.25 -13.10
C ALA A 59 0.78 17.46 -13.94
N THR A 60 0.69 17.26 -15.25
CA THR A 60 0.27 18.30 -16.18
C THR A 60 -0.90 17.78 -16.99
N ASP A 61 -1.60 18.68 -17.69
CA ASP A 61 -2.83 18.26 -18.34
C ASP A 61 -2.56 17.69 -19.74
N ASN A 62 -2.33 18.54 -20.74
CA ASN A 62 -2.20 18.06 -22.12
C ASN A 62 -0.79 17.90 -22.68
N TYR A 63 0.23 18.34 -21.95
CA TYR A 63 1.59 18.45 -22.49
C TYR A 63 2.69 18.17 -21.47
N ASP A 64 3.87 17.83 -21.98
CA ASP A 64 5.05 17.63 -21.13
C ASP A 64 5.54 18.98 -20.59
N ILE A 65 6.31 18.92 -19.51
CA ILE A 65 6.92 20.12 -18.95
C ILE A 65 8.25 19.75 -18.31
N GLY A 66 9.19 20.70 -18.32
CA GLY A 66 10.47 20.49 -17.68
C GLY A 66 10.33 20.45 -16.17
N PHE A 67 11.05 19.55 -15.51
CA PHE A 67 11.04 19.47 -14.05
C PHE A 67 12.43 19.20 -13.48
N GLY A 68 12.80 19.98 -12.47
CA GLY A 68 14.05 19.79 -11.76
C GLY A 68 13.94 20.20 -10.31
N VAL A 69 14.90 19.77 -9.48
CA VAL A 69 14.88 20.07 -8.05
C VAL A 69 16.24 20.56 -7.58
N TYR A 70 16.27 21.80 -7.08
CA TYR A 70 17.49 22.40 -6.54
C TYR A 70 17.31 22.69 -5.05
N PHE A 71 18.41 22.71 -4.31
CA PHE A 71 18.38 23.01 -2.88
C PHE A 71 19.18 24.27 -2.55
N GLU A 72 18.51 25.22 -1.91
CA GLU A 72 19.12 26.50 -1.54
C GLU A 72 19.40 26.57 -0.05
N TRP A 73 20.68 26.59 0.31
CA TRP A 73 21.09 26.61 1.70
C TRP A 73 20.72 27.92 2.39
N THR A 74 20.68 27.87 3.73
CA THR A 74 20.40 29.06 4.53
C THR A 74 21.33 29.10 5.75
N LYS A 112 24.10 34.78 -4.26
CA LYS A 112 24.67 34.83 -2.92
C LYS A 112 24.56 33.48 -2.21
N PRO A 113 23.33 32.93 -2.09
CA PRO A 113 23.18 31.64 -1.42
C PRO A 113 23.62 30.47 -2.29
N VAL A 114 24.09 29.40 -1.65
CA VAL A 114 24.53 28.21 -2.37
C VAL A 114 23.35 27.48 -2.98
N LEU A 115 23.56 26.90 -4.16
CA LEU A 115 22.55 26.10 -4.84
C LEU A 115 23.11 24.76 -5.25
N ASP A 116 22.53 23.68 -4.71
CA ASP A 116 22.93 22.33 -5.05
C ASP A 116 21.90 21.68 -5.99
N GLU A 117 22.40 20.98 -7.01
CA GLU A 117 21.53 20.34 -7.99
C GLU A 117 21.20 18.92 -7.56
N ILE A 118 19.91 18.65 -7.33
CA ILE A 118 19.44 17.33 -6.93
C ILE A 118 18.95 16.56 -8.14
N VAL A 119 17.91 17.10 -8.77
CA VAL A 119 17.31 16.51 -9.97
C VAL A 119 17.57 17.43 -11.14
N PRO A 120 18.41 17.01 -12.11
CA PRO A 120 18.63 17.86 -13.27
C PRO A 120 17.33 18.16 -13.99
N VAL A 121 17.12 19.42 -14.36
CA VAL A 121 15.91 19.80 -15.07
C VAL A 121 15.84 19.06 -16.41
N TYR A 122 14.74 18.33 -16.62
CA TYR A 122 14.50 17.57 -17.85
C TYR A 122 13.01 17.55 -18.11
N ARG A 123 12.65 17.31 -19.36
CA ARG A 123 11.25 17.26 -19.74
C ARG A 123 10.64 15.93 -19.34
N ARG A 124 9.54 15.99 -18.61
CA ARG A 124 8.87 14.79 -18.11
C ARG A 124 7.54 14.58 -18.82
N ASP A 125 7.15 13.33 -18.96
CA ASP A 125 5.96 12.93 -19.71
C ASP A 125 4.71 13.01 -18.83
N CYS A 126 4.83 13.72 -17.72
CA CYS A 126 3.83 13.76 -16.66
C CYS A 126 2.42 14.13 -17.11
N HIS A 127 2.22 14.54 -18.35
CA HIS A 127 0.86 14.67 -18.87
C HIS A 127 0.19 13.28 -18.99
N GLU A 128 1.00 12.25 -19.21
CA GLU A 128 0.52 10.87 -19.25
C GLU A 128 0.40 10.22 -17.86
N GLU A 129 1.40 10.43 -17.02
CA GLU A 129 1.47 9.78 -15.71
C GLU A 129 1.73 10.79 -14.59
N VAL A 130 1.44 10.42 -13.36
CA VAL A 130 1.81 11.24 -12.22
C VAL A 130 3.26 10.94 -11.87
N TYR A 131 4.09 11.96 -11.90
CA TYR A 131 5.50 11.83 -11.55
C TYR A 131 5.71 12.22 -10.08
N ALA A 132 6.50 11.41 -9.37
CA ALA A 132 6.75 11.63 -7.95
C ALA A 132 8.19 11.32 -7.58
N GLY A 133 8.59 11.70 -6.38
CA GLY A 133 9.94 11.46 -5.91
C GLY A 133 10.14 11.85 -4.46
N SER A 134 11.30 11.49 -3.91
CA SER A 134 11.64 11.84 -2.55
C SER A 134 13.11 12.17 -2.41
N HIS A 135 13.46 13.00 -1.42
CA HIS A 135 14.87 13.26 -1.12
C HIS A 135 15.12 13.59 0.35
N GLN A 136 16.27 13.13 0.82
CA GLN A 136 16.71 13.36 2.19
C GLN A 136 17.23 14.78 2.35
N TYR A 137 16.88 15.44 3.46
CA TYR A 137 17.41 16.75 3.75
C TYR A 137 18.94 16.71 3.82
N PRO A 138 19.63 17.44 2.92
CA PRO A 138 21.08 17.54 3.09
C PRO A 138 21.43 18.42 4.28
N GLY A 139 20.49 19.29 4.64
CA GLY A 139 20.67 20.20 5.75
C GLY A 139 19.50 21.16 5.80
N ARG A 140 19.60 22.19 6.64
CA ARG A 140 18.56 23.20 6.73
C ARG A 140 18.68 24.15 5.54
N GLY A 141 17.55 24.43 4.89
CA GLY A 141 17.57 25.22 3.68
C GLY A 141 16.22 25.27 3.00
N VAL A 142 16.23 25.56 1.71
CA VAL A 142 15.00 25.68 0.93
C VAL A 142 15.06 24.90 -0.37
N TYR A 143 14.11 24.00 -0.57
CA TYR A 143 13.99 23.25 -1.82
C TYR A 143 13.39 24.14 -2.90
N LEU A 144 13.95 24.06 -4.10
CA LEU A 144 13.39 24.74 -5.26
C LEU A 144 12.87 23.71 -6.27
N LEU A 145 11.55 23.64 -6.41
CA LEU A 145 10.93 22.80 -7.42
C LEU A 145 10.65 23.64 -8.66
N LYS A 146 11.37 23.36 -9.73
CA LYS A 146 11.29 24.18 -10.93
C LYS A 146 10.51 23.47 -12.01
N PHE A 147 9.45 24.13 -12.48
CA PHE A 147 8.71 23.68 -13.64
C PHE A 147 9.06 24.57 -14.83
N ASP A 148 9.79 23.99 -15.78
CA ASP A 148 10.44 24.76 -16.85
C ASP A 148 9.69 24.64 -18.18
N ASN A 149 9.02 25.73 -18.57
CA ASN A 149 8.31 25.79 -19.85
C ASN A 149 9.10 26.54 -20.94
N SER A 150 10.35 26.89 -20.63
CA SER A 150 11.17 27.77 -21.48
C SER A 150 11.13 27.42 -22.97
N TYR A 151 11.16 26.12 -23.26
CA TYR A 151 11.22 25.65 -24.64
C TYR A 151 9.91 25.83 -25.40
N SER A 152 8.83 26.13 -24.68
CA SER A 152 7.50 26.22 -25.28
C SER A 152 7.13 27.65 -25.69
N LEU A 153 7.06 27.89 -26.99
CA LEU A 153 6.70 29.21 -27.51
C LEU A 153 5.20 29.48 -27.44
N TRP A 154 4.41 28.55 -27.98
CA TRP A 154 2.98 28.79 -28.17
C TRP A 154 2.04 28.14 -27.14
N ARG A 155 2.59 27.35 -26.20
CA ARG A 155 1.75 26.53 -25.32
C ARG A 155 1.98 26.81 -23.83
N SER A 156 0.91 27.25 -23.16
CA SER A 156 0.92 27.36 -21.70
C SER A 156 0.66 25.99 -21.07
N LYS A 157 1.10 25.83 -19.82
CA LYS A 157 0.97 24.54 -19.12
C LYS A 157 0.25 24.69 -17.79
N SER A 158 -0.72 23.81 -17.55
CA SER A 158 -1.41 23.72 -16.26
C SER A 158 -0.76 22.66 -15.40
N VAL A 159 -0.42 23.02 -14.16
CA VAL A 159 0.34 22.15 -13.27
C VAL A 159 -0.39 21.90 -11.96
N TYR A 160 -0.61 20.61 -11.66
CA TYR A 160 -1.15 20.18 -10.38
C TYR A 160 -0.03 19.58 -9.54
N TYR A 161 0.17 20.05 -8.32
CA TYR A 161 1.26 19.57 -7.49
C TYR A 161 0.88 19.45 -6.01
N ARG A 162 1.63 18.60 -5.30
CA ARG A 162 1.44 18.41 -3.87
C ARG A 162 2.76 18.00 -3.22
N VAL A 163 2.93 18.38 -1.95
CA VAL A 163 4.16 18.08 -1.23
C VAL A 163 3.91 17.72 0.23
N TYR A 164 4.63 16.72 0.70
CA TYR A 164 4.59 16.28 2.09
C TYR A 164 6.00 16.27 2.66
N TYR A 165 6.14 15.94 3.93
CA TYR A 165 7.45 15.70 4.53
C TYR A 165 7.35 14.64 5.63
N THR A 166 8.47 13.99 5.91
CA THR A 166 8.52 12.91 6.89
C THR A 166 9.51 13.21 8.00
N ARG A 167 9.31 12.53 9.14
CA ARG A 167 10.15 12.71 10.32
C ARG A 167 11.17 11.59 10.43
N ILE B 16 6.70 2.73 13.36
CA ILE B 16 6.82 3.96 12.60
C ILE B 16 7.96 3.82 11.58
N PRO B 17 7.60 3.56 10.30
CA PRO B 17 8.62 3.17 9.32
C PRO B 17 9.57 4.30 8.96
N ALA B 18 10.77 3.92 8.52
CA ALA B 18 11.78 4.89 8.14
C ALA B 18 11.34 5.64 6.88
N PRO B 19 11.84 6.87 6.70
CA PRO B 19 11.52 7.66 5.48
C PRO B 19 11.85 6.94 4.17
N PRO B 20 13.02 6.28 4.06
CA PRO B 20 13.28 5.58 2.81
C PRO B 20 12.36 4.38 2.60
N ALA B 21 11.87 3.80 3.69
CA ALA B 21 10.98 2.65 3.62
C ALA B 21 9.62 3.10 3.10
N ILE B 22 9.21 4.31 3.48
CA ILE B 22 8.01 4.92 2.93
C ILE B 22 8.16 5.05 1.42
N ALA B 23 9.31 5.52 0.97
CA ALA B 23 9.55 5.78 -0.44
C ALA B 23 9.55 4.50 -1.27
N ASP B 24 10.16 3.45 -0.71
CA ASP B 24 10.23 2.17 -1.42
C ASP B 24 8.85 1.57 -1.57
N LEU B 25 8.04 1.68 -0.52
CA LEU B 25 6.66 1.24 -0.57
C LEU B 25 5.93 1.93 -1.70
N LEU B 26 5.97 3.25 -1.69
CA LEU B 26 5.24 4.05 -2.67
C LEU B 26 5.63 3.68 -4.10
N ALA B 27 6.93 3.67 -4.38
CA ALA B 27 7.39 3.50 -5.75
C ALA B 27 6.67 2.35 -6.46
N SER B 28 6.49 1.24 -5.75
CA SER B 28 5.76 0.10 -6.31
C SER B 28 4.21 0.25 -6.28
N VAL B 29 3.64 0.51 -5.11
CA VAL B 29 2.17 0.55 -4.93
C VAL B 29 1.52 1.93 -4.78
N ASP B 30 2.27 3.01 -5.00
CA ASP B 30 1.76 4.36 -4.71
C ASP B 30 0.40 4.59 -5.37
N SER B 31 -0.54 5.07 -4.55
CA SER B 31 -1.89 5.36 -5.00
C SER B 31 -2.44 6.52 -4.18
N GLU B 32 -3.69 6.87 -4.43
CA GLU B 32 -4.33 7.95 -3.66
C GLU B 32 -4.81 7.43 -2.31
N GLU B 33 -5.03 6.12 -2.21
CA GLU B 33 -5.47 5.50 -0.97
C GLU B 33 -4.31 5.40 0.01
N VAL B 34 -3.16 4.98 -0.48
CA VAL B 34 -1.97 4.84 0.35
C VAL B 34 -1.59 6.18 0.98
N ARG B 35 -1.64 7.23 0.17
CA ARG B 35 -1.33 8.58 0.65
C ARG B 35 -2.18 8.91 1.88
N GLU B 36 -3.48 8.68 1.77
CA GLU B 36 -4.40 8.91 2.89
C GLU B 36 -3.97 8.11 4.12
N TYR B 37 -3.70 6.82 3.93
CA TYR B 37 -3.28 5.96 5.04
C TYR B 37 -2.01 6.48 5.68
N CYS B 38 -1.03 6.82 4.84
CA CYS B 38 0.25 7.34 5.34
C CYS B 38 0.05 8.71 5.99
N LYS B 39 -0.97 9.43 5.53
CA LYS B 39 -1.31 10.73 6.12
C LYS B 39 -1.92 10.52 7.50
N LYS B 40 -2.79 9.52 7.62
CA LYS B 40 -3.44 9.21 8.89
C LYS B 40 -2.44 8.82 9.96
N LYS B 41 -1.59 7.84 9.65
CA LYS B 41 -0.61 7.34 10.61
C LYS B 41 0.41 8.41 10.99
N GLY B 42 0.47 9.49 10.21
CA GLY B 42 1.40 10.58 10.50
C GLY B 42 2.77 10.31 9.93
N TRP B 43 2.85 9.37 9.00
CA TRP B 43 4.10 9.05 8.32
C TRP B 43 4.51 10.19 7.40
N ILE B 44 3.51 10.88 6.84
CA ILE B 44 3.75 12.02 5.97
C ILE B 44 2.86 13.18 6.41
N VAL B 45 3.40 14.39 6.29
CA VAL B 45 2.69 15.61 6.68
C VAL B 45 2.65 16.59 5.51
N GLU B 46 1.46 16.89 5.03
CA GLU B 46 1.31 17.80 3.90
C GLU B 46 1.77 19.20 4.28
N VAL B 47 2.66 19.77 3.45
CA VAL B 47 3.18 21.10 3.70
C VAL B 47 2.09 22.14 3.45
N PRO B 48 1.87 23.05 4.42
CA PRO B 48 0.78 24.02 4.23
C PRO B 48 1.14 25.13 3.23
N VAL B 49 0.12 25.79 2.69
CA VAL B 49 0.32 26.86 1.72
C VAL B 49 1.19 27.97 2.30
N THR B 50 1.22 28.07 3.62
CA THR B 50 1.98 29.09 4.32
C THR B 50 3.48 29.00 4.03
N ALA B 51 3.98 27.77 3.92
CA ALA B 51 5.42 27.55 3.74
C ALA B 51 5.85 27.66 2.29
N THR B 52 4.89 27.64 1.37
CA THR B 52 5.19 27.69 -0.06
C THR B 52 5.04 29.09 -0.64
N THR B 53 6.05 29.51 -1.40
CA THR B 53 5.99 30.76 -2.16
C THR B 53 6.18 30.48 -3.65
N LEU B 54 5.50 31.25 -4.49
CA LEU B 54 5.59 31.09 -5.95
C LEU B 54 6.49 32.15 -6.56
N GLU B 55 7.45 31.70 -7.37
CA GLU B 55 8.33 32.60 -8.11
C GLU B 55 8.19 32.36 -9.60
N ARG B 56 7.99 33.44 -10.36
CA ARG B 56 7.74 33.37 -11.79
C ARG B 56 8.80 34.17 -12.56
N ASN B 57 9.34 33.58 -13.62
CA ASN B 57 10.40 34.20 -14.40
C ASN B 57 10.35 33.78 -15.86
N VAL B 58 10.76 34.68 -16.76
CA VAL B 58 10.76 34.42 -18.19
C VAL B 58 12.14 34.00 -18.68
N LEU C 4 -0.88 -20.18 32.03
CA LEU C 4 -1.31 -20.62 30.70
C LEU C 4 -1.10 -19.51 29.68
N PRO C 5 -0.85 -19.88 28.41
CA PRO C 5 -0.59 -18.86 27.38
C PRO C 5 -1.74 -17.87 27.23
N VAL C 6 -1.41 -16.61 26.97
CA VAL C 6 -2.42 -15.60 26.65
C VAL C 6 -2.52 -15.52 25.13
N ILE C 7 -3.65 -15.96 24.60
CA ILE C 7 -3.86 -15.98 23.16
C ILE C 7 -4.27 -14.59 22.70
N ALA C 8 -3.54 -14.05 21.72
CA ALA C 8 -3.79 -12.71 21.23
C ALA C 8 -5.11 -12.69 20.47
N ALA C 9 -5.83 -11.58 20.54
CA ALA C 9 -7.08 -11.44 19.81
C ALA C 9 -6.80 -11.36 18.31
N PRO C 10 -7.67 -11.96 17.48
CA PRO C 10 -7.47 -11.91 16.04
C PRO C 10 -7.90 -10.58 15.43
N SER C 11 -7.25 -10.21 14.32
CA SER C 11 -7.63 -9.04 13.54
C SER C 11 -8.34 -9.49 12.28
N MET C 12 -9.37 -8.76 11.88
CA MET C 12 -10.17 -9.14 10.70
C MET C 12 -10.65 -7.91 9.93
N TRP C 13 -10.68 -8.04 8.60
CA TRP C 13 -11.13 -6.96 7.74
C TRP C 13 -11.60 -7.52 6.40
N THR C 14 -11.98 -6.63 5.50
CA THR C 14 -12.43 -7.00 4.16
C THR C 14 -11.81 -6.10 3.12
N ARG C 15 -11.89 -6.49 1.84
CA ARG C 15 -11.48 -5.62 0.75
C ARG C 15 -12.43 -5.78 -0.46
N PRO C 16 -12.64 -4.69 -1.22
CA PRO C 16 -13.72 -4.67 -2.21
C PRO C 16 -13.53 -5.57 -3.43
N GLN C 17 -12.30 -5.91 -3.80
CA GLN C 17 -12.10 -6.56 -5.09
C GLN C 17 -12.15 -8.06 -4.95
N ILE C 18 -13.32 -8.61 -5.25
CA ILE C 18 -13.55 -10.03 -5.20
C ILE C 18 -13.17 -10.70 -6.51
N ARG C 19 -13.51 -10.04 -7.62
CA ARG C 19 -13.32 -10.61 -8.94
C ARG C 19 -11.84 -10.70 -9.30
N ASP C 20 -11.10 -9.65 -8.99
CA ASP C 20 -9.65 -9.66 -9.20
C ASP C 20 -9.02 -10.77 -8.37
N PHE C 21 -9.49 -10.91 -7.13
CA PHE C 21 -8.95 -11.91 -6.21
C PHE C 21 -9.18 -13.33 -6.71
N LYS C 22 -10.44 -13.66 -7.00
CA LYS C 22 -10.77 -15.01 -7.43
C LYS C 22 -10.00 -15.39 -8.69
N GLU C 23 -9.99 -14.50 -9.68
CA GLU C 23 -9.29 -14.78 -10.93
C GLU C 23 -7.78 -14.94 -10.72
N LYS C 24 -7.27 -14.41 -9.62
CA LYS C 24 -5.86 -14.60 -9.26
C LYS C 24 -5.65 -15.99 -8.66
N ILE C 25 -6.66 -16.46 -7.92
CA ILE C 25 -6.57 -17.77 -7.27
C ILE C 25 -6.66 -18.89 -8.29
N ARG C 26 -7.43 -18.66 -9.36
CA ARG C 26 -7.63 -19.67 -10.39
C ARG C 26 -6.33 -20.03 -11.11
N GLN C 27 -5.65 -19.01 -11.62
CA GLN C 27 -4.52 -19.24 -12.53
C GLN C 27 -3.27 -19.84 -11.89
N ASP C 28 -3.03 -19.53 -10.63
CA ASP C 28 -1.72 -19.79 -10.03
C ASP C 28 -1.68 -21.16 -9.33
N SER C 29 -2.39 -21.33 -8.20
CA SER C 29 -2.42 -22.65 -7.54
C SER C 29 -3.58 -23.57 -7.96
N ASP C 30 -4.59 -23.04 -8.65
CA ASP C 30 -5.84 -23.78 -8.89
C ASP C 30 -6.36 -24.43 -7.59
N SER C 31 -6.14 -23.78 -6.46
CA SER C 31 -6.64 -24.31 -5.19
C SER C 31 -8.01 -23.71 -4.88
N VAL C 32 -9.03 -24.52 -5.08
CA VAL C 32 -10.41 -24.09 -4.92
C VAL C 32 -11.19 -25.25 -4.32
N ILE C 33 -11.96 -24.97 -3.28
CA ILE C 33 -12.66 -26.00 -2.56
C ILE C 33 -14.14 -25.99 -2.93
N THR C 34 -14.72 -27.18 -3.09
CA THR C 34 -16.15 -27.33 -3.23
C THR C 34 -16.68 -27.91 -1.94
N VAL C 35 -17.45 -27.11 -1.20
CA VAL C 35 -18.03 -27.56 0.05
C VAL C 35 -19.43 -28.09 -0.21
N GLY C 36 -19.60 -29.40 -0.04
CA GLY C 36 -20.86 -30.06 -0.35
C GLY C 36 -22.00 -29.60 0.54
N ARG C 37 -23.21 -30.06 0.21
CA ARG C 37 -24.39 -29.73 0.99
C ARG C 37 -24.26 -30.25 2.43
N GLY C 38 -24.48 -29.35 3.39
CA GLY C 38 -24.41 -29.70 4.79
C GLY C 38 -23.06 -30.27 5.22
N GLU C 39 -22.00 -29.91 4.51
CA GLU C 39 -20.66 -30.40 4.84
C GLU C 39 -19.87 -29.41 5.68
N VAL C 40 -18.69 -29.83 6.10
CA VAL C 40 -17.71 -28.94 6.71
C VAL C 40 -16.32 -29.30 6.20
N VAL C 41 -15.63 -28.34 5.62
CA VAL C 41 -14.26 -28.56 5.14
C VAL C 41 -13.26 -27.87 6.04
N THR C 42 -12.39 -28.66 6.66
CA THR C 42 -11.36 -28.13 7.54
C THR C 42 -9.99 -28.17 6.85
N VAL C 43 -9.36 -27.01 6.77
CA VAL C 43 -8.00 -26.91 6.21
C VAL C 43 -6.99 -26.85 7.34
N ARG C 44 -6.16 -27.89 7.44
CA ARG C 44 -5.13 -27.94 8.48
C ARG C 44 -3.88 -27.23 8.00
N VAL C 45 -3.47 -26.22 8.75
CA VAL C 45 -2.31 -25.40 8.41
C VAL C 45 -1.30 -25.42 9.55
N PRO C 46 -0.34 -26.35 9.50
CA PRO C 46 0.65 -26.43 10.59
C PRO C 46 1.51 -25.17 10.68
N THR C 47 1.72 -24.68 11.90
CA THR C 47 2.57 -23.50 12.12
C THR C 47 3.96 -23.76 11.57
N HIS C 48 4.46 -22.83 10.76
CA HIS C 48 5.81 -22.94 10.23
C HIS C 48 6.82 -22.72 11.35
N GLU C 49 7.90 -23.48 11.33
CA GLU C 49 8.88 -23.44 12.40
C GLU C 49 9.57 -22.07 12.45
N GLU C 50 9.75 -21.48 11.29
CA GLU C 50 10.25 -20.12 11.18
C GLU C 50 9.11 -19.10 11.28
N GLY C 51 7.90 -19.61 11.52
CA GLY C 51 6.71 -18.80 11.50
C GLY C 51 6.52 -17.88 12.69
N SER C 52 5.73 -16.84 12.46
CA SER C 52 5.43 -15.84 13.48
C SER C 52 3.92 -15.62 13.58
N TYR C 53 3.34 -15.20 12.46
CA TYR C 53 1.90 -14.94 12.36
C TYR C 53 1.26 -15.77 11.26
N LEU C 54 -0.06 -15.88 11.30
CA LEU C 54 -0.84 -16.45 10.21
C LEU C 54 -1.74 -15.41 9.58
N PHE C 55 -1.77 -15.38 8.25
CA PHE C 55 -2.64 -14.48 7.50
C PHE C 55 -3.52 -15.31 6.58
N TRP C 56 -4.81 -14.97 6.50
CA TRP C 56 -5.74 -15.71 5.65
C TRP C 56 -6.64 -14.80 4.81
N GLU C 57 -7.09 -15.35 3.69
CA GLU C 57 -8.07 -14.70 2.83
C GLU C 57 -9.03 -15.77 2.34
N PHE C 58 -10.31 -15.45 2.22
CA PHE C 58 -11.27 -16.38 1.63
C PHE C 58 -12.44 -15.66 0.96
N ALA C 59 -12.96 -16.26 -0.09
CA ALA C 59 -14.13 -15.73 -0.79
C ALA C 59 -14.94 -16.85 -1.45
N THR C 60 -16.23 -16.58 -1.68
CA THR C 60 -17.12 -17.52 -2.37
C THR C 60 -17.74 -16.87 -3.59
N ASP C 61 -18.32 -17.67 -4.47
CA ASP C 61 -18.85 -17.14 -5.71
C ASP C 61 -20.24 -16.55 -5.51
N ASN C 62 -21.25 -17.41 -5.39
CA ASN C 62 -22.64 -16.92 -5.33
C ASN C 62 -23.32 -16.83 -3.97
N TYR C 63 -22.68 -17.33 -2.91
CA TYR C 63 -23.37 -17.47 -1.62
C TYR C 63 -22.44 -17.32 -0.42
N ASP C 64 -23.04 -17.05 0.75
CA ASP C 64 -22.28 -16.98 2.00
C ASP C 64 -21.86 -18.36 2.48
N ILE C 65 -20.89 -18.40 3.38
CA ILE C 65 -20.47 -19.64 4.02
C ILE C 65 -19.94 -19.33 5.42
N GLY C 66 -20.14 -20.26 6.34
CA GLY C 66 -19.64 -20.10 7.70
C GLY C 66 -18.13 -20.20 7.72
N PHE C 67 -17.50 -19.38 8.55
CA PHE C 67 -16.05 -19.39 8.68
C PHE C 67 -15.60 -19.21 10.12
N GLY C 68 -14.63 -20.02 10.53
CA GLY C 68 -14.05 -19.92 11.85
C GLY C 68 -12.61 -20.37 11.85
N VAL C 69 -11.89 -20.07 12.94
CA VAL C 69 -10.50 -20.47 13.08
C VAL C 69 -10.28 -21.11 14.44
N TYR C 70 -9.70 -22.30 14.44
CA TYR C 70 -9.35 -23.01 15.68
C TYR C 70 -7.87 -23.40 15.64
N PHE C 71 -7.23 -23.42 16.81
CA PHE C 71 -5.82 -23.77 16.90
C PHE C 71 -5.61 -25.06 17.69
N GLU C 72 -4.92 -26.02 17.08
CA GLU C 72 -4.67 -27.33 17.67
C GLU C 72 -3.23 -27.47 18.13
N TRP C 73 -3.05 -27.64 19.45
CA TRP C 73 -1.72 -27.74 20.03
C TRP C 73 -1.06 -29.09 19.75
N THR C 74 0.27 -29.13 19.87
CA THR C 74 1.03 -30.35 19.67
C THR C 74 2.21 -30.41 20.63
N LYS C 112 -7.97 -35.96 22.30
CA LYS C 112 -6.63 -36.09 22.87
C LYS C 112 -5.87 -34.75 22.80
N PRO C 113 -5.76 -34.16 21.60
CA PRO C 113 -5.07 -32.87 21.50
C PRO C 113 -5.92 -31.69 21.95
N VAL C 114 -5.27 -30.64 22.45
CA VAL C 114 -5.98 -29.46 22.95
C VAL C 114 -6.41 -28.56 21.80
N LEU C 115 -7.57 -27.93 21.94
CA LEU C 115 -8.13 -27.06 20.90
C LEU C 115 -8.57 -25.73 21.49
N ASP C 116 -8.17 -24.64 20.83
CA ASP C 116 -8.54 -23.28 21.26
C ASP C 116 -9.30 -22.53 20.15
N GLU C 117 -10.32 -21.78 20.55
CA GLU C 117 -11.17 -21.01 19.64
C GLU C 117 -10.62 -19.61 19.39
N ILE C 118 -10.29 -19.32 18.13
CA ILE C 118 -9.74 -18.02 17.75
C ILE C 118 -10.85 -17.13 17.20
N VAL C 119 -11.44 -17.59 16.10
CA VAL C 119 -12.58 -16.92 15.49
C VAL C 119 -13.80 -17.82 15.62
N PRO C 120 -14.82 -17.39 16.39
CA PRO C 120 -16.04 -18.19 16.50
C PRO C 120 -16.69 -18.40 15.13
N VAL C 121 -17.03 -19.64 14.81
CA VAL C 121 -17.62 -19.93 13.51
C VAL C 121 -18.94 -19.19 13.35
N TYR C 122 -19.04 -18.42 12.27
CA TYR C 122 -20.21 -17.61 12.00
C TYR C 122 -20.31 -17.34 10.51
N ARG C 123 -21.50 -16.98 10.04
CA ARG C 123 -21.71 -16.73 8.62
C ARG C 123 -21.26 -15.33 8.22
N ARG C 124 -20.37 -15.28 7.25
CA ARG C 124 -19.86 -14.03 6.68
C ARG C 124 -20.37 -13.90 5.26
N ASP C 125 -20.52 -12.69 4.74
CA ASP C 125 -20.87 -12.58 3.34
C ASP C 125 -19.58 -12.32 2.58
N CYS C 126 -19.01 -13.41 2.10
CA CYS C 126 -17.74 -13.37 1.38
C CYS C 126 -17.98 -13.48 -0.12
N HIS C 127 -19.24 -13.59 -0.51
CA HIS C 127 -19.61 -13.60 -1.92
C HIS C 127 -19.67 -12.17 -2.45
N GLU C 128 -19.92 -11.23 -1.56
CA GLU C 128 -19.88 -9.80 -1.88
C GLU C 128 -18.47 -9.21 -1.84
N GLU C 129 -17.70 -9.58 -0.81
CA GLU C 129 -16.36 -9.03 -0.60
C GLU C 129 -15.36 -10.11 -0.21
N VAL C 130 -14.07 -9.78 -0.30
CA VAL C 130 -13.03 -10.69 0.15
C VAL C 130 -12.82 -10.52 1.65
N TYR C 131 -13.00 -11.61 2.39
CA TYR C 131 -12.82 -11.59 3.85
C TYR C 131 -11.41 -12.06 4.20
N ALA C 132 -10.73 -11.28 5.03
CA ALA C 132 -9.35 -11.57 5.41
C ALA C 132 -9.13 -11.34 6.90
N GLY C 133 -8.02 -11.86 7.41
CA GLY C 133 -7.71 -11.72 8.83
C GLY C 133 -6.31 -12.21 9.15
N SER C 134 -5.90 -12.00 10.39
CA SER C 134 -4.57 -12.39 10.84
C SER C 134 -4.59 -12.82 12.30
N HIS C 135 -3.61 -13.62 12.70
CA HIS C 135 -3.46 -13.99 14.11
C HIS C 135 -2.02 -14.35 14.45
N GLN C 136 -1.67 -14.16 15.72
CA GLN C 136 -0.33 -14.45 16.23
C GLN C 136 -0.22 -15.90 16.72
N TYR C 137 0.92 -16.53 16.44
CA TYR C 137 1.16 -17.89 16.92
C TYR C 137 1.22 -17.92 18.45
N PRO C 138 0.27 -18.62 19.10
CA PRO C 138 0.41 -18.80 20.55
C PRO C 138 1.56 -19.75 20.88
N GLY C 139 1.84 -20.67 19.95
CA GLY C 139 2.91 -21.63 20.11
C GLY C 139 2.93 -22.57 18.92
N ARG C 140 3.72 -23.64 19.00
CA ARG C 140 3.76 -24.64 17.94
C ARG C 140 2.47 -25.44 17.93
N GLY C 141 1.92 -25.66 16.73
CA GLY C 141 0.67 -26.38 16.59
C GLY C 141 0.16 -26.38 15.17
N VAL C 142 -1.15 -26.60 15.03
CA VAL C 142 -1.80 -26.64 13.72
C VAL C 142 -3.05 -25.77 13.72
N TYR C 143 -3.12 -24.86 12.76
CA TYR C 143 -4.31 -24.04 12.57
C TYR C 143 -5.39 -24.83 11.83
N LEU C 144 -6.63 -24.65 12.25
CA LEU C 144 -7.77 -25.27 11.58
C LEU C 144 -8.71 -24.20 11.05
N LEU C 145 -8.75 -24.07 9.73
CA LEU C 145 -9.65 -23.13 9.07
C LEU C 145 -10.89 -23.88 8.62
N LYS C 146 -12.03 -23.54 9.20
CA LYS C 146 -13.26 -24.26 8.94
C LYS C 146 -14.20 -23.47 8.03
N PHE C 147 -14.58 -24.09 6.92
CA PHE C 147 -15.64 -23.57 6.06
C PHE C 147 -16.89 -24.42 6.27
N ASP C 148 -17.90 -23.81 6.87
CA ASP C 148 -19.05 -24.55 7.40
C ASP C 148 -20.32 -24.30 6.58
N ASN C 149 -20.72 -25.31 5.81
CA ASN C 149 -21.92 -25.26 4.99
C ASN C 149 -23.11 -25.96 5.65
N SER C 150 -22.93 -26.41 6.89
CA SER C 150 -23.86 -27.31 7.57
C SER C 150 -25.33 -26.89 7.42
N TYR C 151 -25.58 -25.59 7.51
CA TYR C 151 -26.95 -25.07 7.50
C TYR C 151 -27.61 -25.23 6.14
N SER C 152 -26.80 -25.28 5.08
CA SER C 152 -27.32 -25.31 3.72
C SER C 152 -27.74 -26.71 3.29
N LEU C 153 -29.03 -26.86 3.01
CA LEU C 153 -29.55 -28.13 2.53
C LEU C 153 -29.26 -28.38 1.05
N TRP C 154 -29.63 -27.42 0.21
CA TRP C 154 -29.61 -27.60 -1.24
C TRP C 154 -28.45 -26.98 -2.02
N ARG C 155 -27.58 -26.24 -1.34
CA ARG C 155 -26.60 -25.41 -2.05
C ARG C 155 -25.16 -25.75 -1.67
N SER C 156 -24.39 -26.21 -2.66
CA SER C 156 -22.94 -26.37 -2.51
C SER C 156 -22.27 -25.01 -2.63
N LYS C 157 -21.05 -24.89 -2.10
CA LYS C 157 -20.33 -23.60 -2.09
C LYS C 157 -18.92 -23.71 -2.66
N SER C 158 -18.59 -22.82 -3.59
CA SER C 158 -17.22 -22.70 -4.09
C SER C 158 -16.41 -21.78 -3.19
N VAL C 159 -15.22 -22.20 -2.82
CA VAL C 159 -14.38 -21.46 -1.88
C VAL C 159 -13.01 -21.18 -2.46
N TYR C 160 -12.71 -19.89 -2.62
CA TYR C 160 -11.37 -19.45 -3.00
C TYR C 160 -10.66 -18.96 -1.76
N TYR C 161 -9.54 -19.58 -1.40
CA TYR C 161 -8.82 -19.21 -0.19
C TYR C 161 -7.31 -19.12 -0.42
N ARG C 162 -6.64 -18.39 0.46
CA ARG C 162 -5.19 -18.24 0.41
C ARG C 162 -4.65 -17.98 1.82
N VAL C 163 -3.41 -18.39 2.07
CA VAL C 163 -2.81 -18.22 3.39
C VAL C 163 -1.32 -17.88 3.31
N TYR C 164 -0.89 -16.99 4.21
CA TYR C 164 0.50 -16.59 4.32
C TYR C 164 0.99 -16.74 5.75
N TYR C 165 2.30 -16.73 5.94
CA TYR C 165 2.89 -16.59 7.27
C TYR C 165 4.01 -15.55 7.23
N THR C 166 4.36 -15.05 8.41
CA THR C 166 5.36 -14.00 8.53
C THR C 166 6.46 -14.41 9.51
N ARG C 167 7.38 -13.49 9.76
CA ARG C 167 8.49 -13.71 10.68
C ARG C 167 8.59 -12.56 11.67
N ILE D 16 12.86 -4.97 7.50
CA ILE D 16 11.75 -5.91 7.71
C ILE D 16 10.83 -5.42 8.82
N PRO D 17 9.60 -5.00 8.46
CA PRO D 17 8.71 -4.46 9.49
C PRO D 17 8.11 -5.55 10.37
N ALA D 18 7.32 -5.15 11.37
CA ALA D 18 6.77 -6.09 12.33
C ALA D 18 5.50 -6.72 11.79
N PRO D 19 5.19 -7.96 12.24
CA PRO D 19 3.98 -8.65 11.79
C PRO D 19 2.67 -7.88 12.04
N PRO D 20 2.50 -7.27 13.22
CA PRO D 20 1.24 -6.52 13.40
C PRO D 20 1.17 -5.25 12.56
N ALA D 21 2.32 -4.79 12.08
CA ALA D 21 2.36 -3.59 11.23
C ALA D 21 1.89 -3.92 9.82
N ILE D 22 2.25 -5.11 9.36
CA ILE D 22 1.76 -5.62 8.08
C ILE D 22 0.23 -5.64 8.11
N ALA D 23 -0.33 -6.23 9.16
CA ALA D 23 -1.78 -6.36 9.30
C ALA D 23 -2.49 -5.01 9.27
N ASP D 24 -1.96 -4.04 9.99
CA ASP D 24 -2.59 -2.73 10.09
C ASP D 24 -2.60 -2.02 8.75
N LEU D 25 -1.54 -2.25 7.97
CA LEU D 25 -1.44 -1.69 6.64
C LEU D 25 -2.54 -2.24 5.75
N LEU D 26 -2.62 -3.57 5.69
CA LEU D 26 -3.59 -4.24 4.84
C LEU D 26 -5.03 -3.84 5.15
N ALA D 27 -5.37 -3.82 6.44
CA ALA D 27 -6.74 -3.55 6.84
C ALA D 27 -7.33 -2.35 6.09
N SER D 28 -6.58 -1.25 6.04
CA SER D 28 -7.01 -0.07 5.29
C SER D 28 -6.88 -0.20 3.76
N VAL D 29 -5.67 -0.50 3.30
CA VAL D 29 -5.35 -0.46 1.86
C VAL D 29 -5.28 -1.79 1.10
N ASP D 30 -5.65 -2.91 1.73
CA ASP D 30 -5.41 -4.23 1.12
C ASP D 30 -5.90 -4.28 -0.32
N SER D 31 -5.03 -4.75 -1.20
CA SER D 31 -5.33 -4.96 -2.60
C SER D 31 -4.44 -6.10 -3.10
N GLU D 32 -4.54 -6.42 -4.38
CA GLU D 32 -3.76 -7.51 -4.93
C GLU D 32 -2.32 -7.07 -5.18
N GLU D 33 -2.13 -5.76 -5.39
CA GLU D 33 -0.81 -5.20 -5.67
C GLU D 33 0.05 -5.19 -4.41
N VAL D 34 -0.55 -4.77 -3.31
CA VAL D 34 0.14 -4.75 -2.02
C VAL D 34 0.62 -6.15 -1.67
N ARG D 35 -0.26 -7.14 -1.82
CA ARG D 35 0.06 -8.53 -1.51
C ARG D 35 1.31 -9.00 -2.23
N GLU D 36 1.47 -8.53 -3.47
CA GLU D 36 2.66 -8.87 -4.26
C GLU D 36 3.89 -8.17 -3.70
N TYR D 37 3.74 -6.90 -3.35
CA TYR D 37 4.84 -6.12 -2.81
C TYR D 37 5.34 -6.77 -1.51
N CYS D 38 4.40 -7.10 -0.63
CA CYS D 38 4.73 -7.71 0.65
C CYS D 38 5.41 -9.06 0.44
N LYS D 39 5.03 -9.72 -0.64
CA LYS D 39 5.59 -11.02 -0.97
C LYS D 39 7.01 -10.88 -1.48
N LYS D 40 7.24 -9.86 -2.30
CA LYS D 40 8.56 -9.59 -2.87
C LYS D 40 9.56 -9.26 -1.77
N LYS D 41 9.19 -8.34 -0.89
CA LYS D 41 10.05 -7.94 0.21
C LYS D 41 10.26 -9.07 1.21
N GLY D 42 9.44 -10.12 1.11
CA GLY D 42 9.54 -11.25 2.01
C GLY D 42 8.87 -10.99 3.34
N TRP D 43 7.98 -10.00 3.38
CA TRP D 43 7.24 -9.68 4.59
C TRP D 43 6.22 -10.76 4.90
N ILE D 44 5.69 -11.38 3.84
CA ILE D 44 4.76 -12.49 3.98
C ILE D 44 5.22 -13.62 3.08
N VAL D 45 4.91 -14.85 3.48
CA VAL D 45 5.31 -16.04 2.74
C VAL D 45 4.10 -16.92 2.45
N GLU D 46 3.78 -17.10 1.17
CA GLU D 46 2.62 -17.90 0.79
C GLU D 46 2.83 -19.38 1.07
N VAL D 47 1.86 -19.97 1.77
CA VAL D 47 1.91 -21.40 2.08
C VAL D 47 1.28 -22.20 0.95
N PRO D 48 2.01 -23.17 0.38
CA PRO D 48 1.43 -23.99 -0.69
C PRO D 48 0.44 -25.02 -0.14
N VAL D 49 -0.46 -25.48 -0.99
CA VAL D 49 -1.45 -26.47 -0.57
C VAL D 49 -0.77 -27.80 -0.24
N THR D 50 0.36 -28.05 -0.89
CA THR D 50 1.15 -29.25 -0.66
C THR D 50 1.60 -29.33 0.80
N ALA D 51 1.66 -28.18 1.46
CA ALA D 51 2.08 -28.11 2.85
C ALA D 51 0.90 -28.19 3.81
N THR D 52 -0.29 -28.42 3.26
CA THR D 52 -1.52 -28.47 4.05
C THR D 52 -2.34 -29.71 3.71
N THR D 53 -3.35 -29.98 4.54
CA THR D 53 -4.26 -31.10 4.31
C THR D 53 -5.72 -30.68 4.46
N LEU D 54 -6.62 -31.44 3.85
CA LEU D 54 -8.05 -31.17 3.92
C LEU D 54 -8.78 -32.25 4.71
N GLU D 55 -9.88 -31.85 5.34
CA GLU D 55 -10.74 -32.78 6.05
C GLU D 55 -12.20 -32.45 5.77
N ARG D 56 -12.95 -33.44 5.31
CA ARG D 56 -14.36 -33.26 4.96
C ARG D 56 -15.24 -34.08 5.91
N ASN D 57 -16.35 -33.50 6.33
CA ASN D 57 -17.24 -34.14 7.30
C ASN D 57 -18.70 -33.73 7.09
N VAL D 58 -19.62 -34.51 7.65
CA VAL D 58 -21.05 -34.21 7.58
C VAL D 58 -21.72 -34.40 8.93
#